data_4U7L
#
_entry.id   4U7L
#
_cell.length_a   38.940
_cell.length_b   93.760
_cell.length_c   169.430
_cell.angle_alpha   90.000
_cell.angle_beta   90.000
_cell.angle_gamma   90.000
#
_symmetry.space_group_name_H-M   'P 21 21 21'
#
loop_
_entity.id
_entity.type
_entity.pdbx_description
1 polymer 'Leucine-rich repeats and immunoglobulin-like domains protein 1'
2 branched 2-acetamido-2-deoxy-beta-D-glucopyranose-(1-4)-2-acetamido-2-deoxy-beta-D-glucopyranose
3 non-polymer 2-acetamido-2-deoxy-beta-D-glucopyranose
4 non-polymer 'CHLORIDE ION'
5 water water
#
_entity_poly.entity_id   1
_entity_poly.type   'polypeptide(L)'
_entity_poly.pdbx_seq_one_letter_code
;TCPSRCTCSGDSLDCGGRGLAALPGDLPSSTRSLNLSYNKLSEIDPAGFEDLPNLQEVYLNNNELTAVPSLGAASSHVVS
LFLQHNKIRSVEGSQLKAYLSLEVLDLSLNNITEVRNTCFPHGPPIKELNLAGNRIGTLELGAFDGLSRSLLTLRLSKNR
ITQLPVRAFKLPRLTQLDLNRNRIRLIEGLTFQGLNSLEVLKLQRNNISKLTDGAFWGLSKMHVLHLEYNSLVEVNSGSL
YGLTALHQLHLSNNSIARIHRKGWSFCQKLHELVLSFNNLTRLDEESLAELSSLSVLRLSHNSISHIAEGAFKGLRSLRV
LDLDHNEISGTIEDTSGAFSGLDSLSKLTLFGNKIKSVAKRAFSGLEGLEHLNLGGNAIRSVQFDAFVKMKNLKELHISS
DSFLCDCQLKWLPPWLIGRMLQAFVTATCAHPESLKGQSIFSVPPESFVCDDFLKA
;
_entity_poly.pdbx_strand_id   A
#
# COMPACT_ATOMS: atom_id res chain seq x y z
N CYS A 2 43.98 2.83 20.03
CA CYS A 2 43.07 3.06 18.90
C CYS A 2 43.81 3.07 17.57
N PRO A 3 43.22 2.41 16.55
CA PRO A 3 43.80 2.20 15.22
C PRO A 3 44.31 3.48 14.58
N SER A 4 45.35 3.35 13.76
CA SER A 4 45.98 4.51 13.12
C SER A 4 44.99 5.30 12.26
N ARG A 5 44.45 4.67 11.24
CA ARG A 5 43.56 5.36 10.32
C ARG A 5 42.10 5.37 10.80
N CYS A 6 41.77 4.51 11.75
CA CYS A 6 40.40 4.46 12.25
C CYS A 6 40.17 5.56 13.28
N THR A 7 38.90 5.82 13.56
CA THR A 7 38.52 6.87 14.51
C THR A 7 37.72 6.27 15.67
N CYS A 8 38.06 6.69 16.88
CA CYS A 8 37.40 6.17 18.08
C CYS A 8 36.56 7.23 18.77
N SER A 9 35.25 7.00 18.81
CA SER A 9 34.35 7.84 19.59
C SER A 9 33.61 6.99 20.61
N GLY A 10 34.06 7.05 21.87
CA GLY A 10 33.50 6.22 22.92
C GLY A 10 33.79 4.75 22.66
N ASP A 11 32.74 3.96 22.49
CA ASP A 11 32.88 2.53 22.25
C ASP A 11 32.67 2.17 20.78
N SER A 12 32.46 3.19 19.96
CA SER A 12 32.31 2.99 18.52
C SER A 12 33.64 3.16 17.80
N LEU A 13 33.90 2.28 16.85
CA LEU A 13 35.13 2.33 16.08
C LEU A 13 34.83 2.45 14.58
N ASP A 14 35.23 3.58 13.99
CA ASP A 14 34.92 3.86 12.60
C ASP A 14 36.13 3.68 11.68
N CYS A 15 36.14 2.56 10.95
CA CYS A 15 37.19 2.28 9.98
C CYS A 15 36.61 2.25 8.57
N GLY A 16 35.44 2.84 8.41
CA GLY A 16 34.74 2.84 7.13
C GLY A 16 35.25 3.88 6.15
N GLY A 17 35.35 3.48 4.89
CA GLY A 17 35.80 4.39 3.84
C GLY A 17 37.27 4.71 3.92
N ARG A 18 38.05 3.83 4.56
CA ARG A 18 39.49 4.04 4.69
C ARG A 18 40.22 3.51 3.46
N GLY A 19 39.63 2.54 2.78
CA GLY A 19 40.22 1.97 1.58
C GLY A 19 41.14 0.81 1.89
N LEU A 20 40.80 0.07 2.94
CA LEU A 20 41.63 -1.04 3.41
C LEU A 20 41.32 -2.34 2.69
N ALA A 21 42.36 -3.15 2.46
CA ALA A 21 42.18 -4.51 1.98
C ALA A 21 42.40 -5.46 3.17
N ALA A 22 43.22 -5.01 4.11
CA ALA A 22 43.49 -5.76 5.32
C ALA A 22 42.75 -5.13 6.49
N LEU A 23 42.70 -5.86 7.59
CA LEU A 23 42.06 -5.32 8.78
C LEU A 23 43.10 -4.72 9.70
N PRO A 24 42.89 -3.46 10.10
CA PRO A 24 43.72 -2.92 11.18
C PRO A 24 43.39 -3.73 12.45
N GLY A 25 44.21 -3.67 13.49
CA GLY A 25 43.89 -4.46 14.66
C GLY A 25 44.96 -5.15 15.51
N ASP A 26 45.23 -4.68 16.73
CA ASP A 26 45.00 -3.30 17.19
C ASP A 26 43.49 -2.98 17.30
N LEU A 27 42.76 -3.72 18.15
CA LEU A 27 41.33 -3.43 18.39
C LEU A 27 41.11 -3.39 19.90
N PRO A 28 40.75 -2.21 20.43
CA PRO A 28 40.44 -1.92 21.83
C PRO A 28 39.35 -2.85 22.37
N SER A 29 39.60 -3.38 23.57
CA SER A 29 38.71 -4.33 24.23
C SER A 29 37.29 -3.82 24.44
N SER A 30 37.13 -2.51 24.47
CA SER A 30 35.84 -1.90 24.80
C SER A 30 34.98 -1.64 23.56
N THR A 31 35.52 -1.95 22.40
CA THR A 31 34.82 -1.69 21.14
C THR A 31 33.53 -2.49 21.04
N ARG A 32 32.43 -1.77 20.89
CA ARG A 32 31.10 -2.37 20.79
C ARG A 32 30.60 -2.31 19.35
N SER A 33 30.82 -1.17 18.70
CA SER A 33 30.42 -0.95 17.32
C SER A 33 31.64 -0.86 16.41
N LEU A 34 31.63 -1.64 15.33
CA LEU A 34 32.77 -1.70 14.43
C LEU A 34 32.36 -1.46 12.98
N ASN A 35 32.69 -0.29 12.45
CA ASN A 35 32.33 0.06 11.07
C ASN A 35 33.49 -0.19 10.12
N LEU A 36 33.34 -1.22 9.28
CA LEU A 36 34.37 -1.59 8.32
C LEU A 36 33.85 -1.51 6.89
N SER A 37 32.75 -0.79 6.72
CA SER A 37 32.09 -0.72 5.43
C SER A 37 32.84 0.17 4.45
N TYR A 38 32.55 -0.01 3.17
CA TYR A 38 33.17 0.75 2.08
C TYR A 38 34.70 0.68 2.12
N ASN A 39 35.21 -0.53 2.31
CA ASN A 39 36.62 -0.82 2.08
C ASN A 39 36.74 -1.82 0.93
N LYS A 40 37.90 -2.44 0.78
CA LYS A 40 38.08 -3.43 -0.27
C LYS A 40 38.43 -4.79 0.30
N LEU A 41 37.87 -5.11 1.46
CA LEU A 41 38.09 -6.40 2.11
C LEU A 41 37.58 -7.54 1.24
N SER A 42 38.44 -8.54 1.01
CA SER A 42 38.08 -9.72 0.23
C SER A 42 37.85 -10.91 1.15
N GLU A 43 38.25 -10.74 2.40
CA GLU A 43 38.22 -11.82 3.38
C GLU A 43 38.45 -11.27 4.80
N ILE A 44 38.10 -12.06 5.81
CA ILE A 44 38.31 -11.64 7.20
C ILE A 44 39.16 -12.64 7.97
N ASP A 45 40.16 -12.13 8.68
CA ASP A 45 41.03 -12.96 9.52
C ASP A 45 40.43 -13.01 10.93
N PRO A 46 39.88 -14.18 11.31
CA PRO A 46 39.15 -14.38 12.56
C PRO A 46 40.04 -14.22 13.81
N ALA A 47 41.35 -14.29 13.61
CA ALA A 47 42.30 -14.16 14.71
C ALA A 47 42.42 -12.71 15.18
N GLY A 48 41.85 -11.79 14.41
CA GLY A 48 41.93 -10.38 14.72
C GLY A 48 40.91 -9.95 15.76
N PHE A 49 40.09 -10.89 16.21
CA PHE A 49 38.93 -10.53 17.04
C PHE A 49 39.00 -11.10 18.46
N GLU A 50 40.17 -10.97 19.06
CA GLU A 50 40.32 -11.05 20.50
C GLU A 50 41.08 -9.81 20.96
N ASP A 51 40.76 -9.31 22.15
CA ASP A 51 39.59 -9.78 22.90
C ASP A 51 38.52 -8.71 22.77
N LEU A 52 37.31 -9.13 22.44
CA LEU A 52 36.23 -8.18 22.19
C LEU A 52 34.92 -8.67 22.79
N PRO A 53 34.82 -8.66 24.12
CA PRO A 53 33.61 -9.15 24.80
C PRO A 53 32.42 -8.23 24.57
N ASN A 54 32.69 -6.99 24.19
CA ASN A 54 31.64 -6.00 24.01
C ASN A 54 31.13 -5.90 22.57
N LEU A 55 31.71 -6.69 21.68
CA LEU A 55 31.38 -6.59 20.26
C LEU A 55 29.92 -6.98 20.00
N GLN A 56 29.13 -6.04 19.52
CA GLN A 56 27.72 -6.26 19.27
C GLN A 56 27.32 -5.95 17.84
N GLU A 57 27.75 -4.80 17.34
CA GLU A 57 27.42 -4.36 15.98
C GLU A 57 28.64 -4.41 15.07
N VAL A 58 28.49 -5.06 13.91
CA VAL A 58 29.57 -5.11 12.93
C VAL A 58 29.09 -4.77 11.52
N TYR A 59 29.68 -3.74 10.94
CA TYR A 59 29.31 -3.29 9.60
C TYR A 59 30.37 -3.67 8.58
N LEU A 60 30.05 -4.66 7.75
CA LEU A 60 30.97 -5.13 6.72
C LEU A 60 30.39 -4.98 5.33
N ASN A 61 29.40 -4.09 5.20
CA ASN A 61 28.74 -3.90 3.91
C ASN A 61 29.63 -3.16 2.93
N ASN A 62 29.29 -3.26 1.65
CA ASN A 62 30.03 -2.60 0.56
C ASN A 62 31.52 -2.94 0.60
N ASN A 63 31.81 -4.23 0.75
CA ASN A 63 33.16 -4.76 0.61
C ASN A 63 33.20 -5.74 -0.56
N GLU A 64 34.20 -6.61 -0.58
CA GLU A 64 34.36 -7.56 -1.68
C GLU A 64 34.27 -9.01 -1.19
N LEU A 65 33.59 -9.21 -0.06
CA LEU A 65 33.48 -10.53 0.56
C LEU A 65 32.77 -11.53 -0.36
N THR A 66 33.21 -12.77 -0.33
CA THR A 66 32.65 -13.82 -1.18
C THR A 66 31.88 -14.86 -0.38
N ALA A 67 32.01 -14.79 0.94
CA ALA A 67 31.32 -15.70 1.85
C ALA A 67 30.99 -14.94 3.13
N VAL A 68 30.08 -15.47 3.96
CA VAL A 68 29.87 -14.84 5.25
C VAL A 68 31.09 -15.21 6.11
N PRO A 69 31.68 -14.20 6.75
CA PRO A 69 32.95 -14.36 7.43
C PRO A 69 32.81 -14.91 8.84
N SER A 70 33.92 -15.33 9.42
CA SER A 70 33.99 -15.72 10.82
C SER A 70 34.68 -14.62 11.61
N LEU A 71 34.06 -14.20 12.70
CA LEU A 71 34.64 -13.17 13.55
C LEU A 71 35.34 -13.82 14.73
N GLY A 72 35.75 -15.07 14.55
CA GLY A 72 36.54 -15.80 15.52
C GLY A 72 35.91 -15.92 16.89
N ALA A 73 36.67 -15.55 17.91
CA ALA A 73 36.21 -15.62 19.30
C ALA A 73 35.03 -14.68 19.58
N ALA A 74 34.90 -13.64 18.77
CA ALA A 74 33.89 -12.61 19.00
C ALA A 74 32.56 -12.91 18.31
N SER A 75 32.53 -13.97 17.49
CA SER A 75 31.35 -14.31 16.71
C SER A 75 30.07 -14.44 17.55
N SER A 76 30.20 -15.11 18.69
CA SER A 76 29.04 -15.49 19.49
C SER A 76 28.41 -14.33 20.28
N HIS A 77 28.97 -13.13 20.15
CA HIS A 77 28.47 -11.98 20.89
C HIS A 77 27.89 -10.94 19.94
N VAL A 78 28.20 -11.08 18.66
CA VAL A 78 27.70 -10.17 17.64
C VAL A 78 26.17 -10.25 17.61
N VAL A 79 25.53 -9.08 17.65
CA VAL A 79 24.08 -9.02 17.65
C VAL A 79 23.57 -8.64 16.25
N SER A 80 24.23 -7.68 15.62
CA SER A 80 23.88 -7.27 14.27
C SER A 80 25.09 -7.41 13.32
N LEU A 81 24.91 -8.15 12.25
CA LEU A 81 25.94 -8.34 11.24
C LEU A 81 25.46 -7.84 9.88
N PHE A 82 26.07 -6.76 9.40
CA PHE A 82 25.65 -6.15 8.14
C PHE A 82 26.59 -6.53 7.00
N LEU A 83 26.06 -7.28 6.04
CA LEU A 83 26.89 -7.83 4.97
C LEU A 83 26.40 -7.45 3.58
N GLN A 84 25.51 -6.47 3.49
CA GLN A 84 24.89 -6.14 2.21
C GLN A 84 25.88 -5.54 1.23
N HIS A 85 25.59 -5.69 -0.06
CA HIS A 85 26.41 -5.16 -1.15
C HIS A 85 27.83 -5.70 -1.13
N ASN A 86 27.95 -7.01 -0.90
CA ASN A 86 29.19 -7.73 -1.12
C ASN A 86 29.04 -8.58 -2.38
N LYS A 87 29.85 -9.64 -2.48
CA LYS A 87 29.75 -10.54 -3.62
C LYS A 87 29.54 -11.99 -3.18
N ILE A 88 28.77 -12.17 -2.10
CA ILE A 88 28.53 -13.49 -1.53
C ILE A 88 27.58 -14.30 -2.41
N ARG A 89 27.99 -15.52 -2.75
CA ARG A 89 27.21 -16.38 -3.64
C ARG A 89 26.37 -17.40 -2.89
N SER A 90 26.88 -17.88 -1.76
CA SER A 90 26.16 -18.88 -0.99
C SER A 90 26.21 -18.57 0.50
N VAL A 91 25.21 -19.04 1.24
CA VAL A 91 25.22 -18.94 2.68
C VAL A 91 25.52 -20.30 3.29
N GLU A 92 26.55 -20.33 4.13
CA GLU A 92 27.08 -21.56 4.67
C GLU A 92 26.69 -21.71 6.14
N GLY A 93 25.81 -22.68 6.41
CA GLY A 93 25.29 -22.88 7.75
C GLY A 93 26.35 -23.20 8.79
N SER A 94 27.46 -23.80 8.35
CA SER A 94 28.56 -24.11 9.25
C SER A 94 29.22 -22.83 9.79
N GLN A 95 29.14 -21.76 9.01
CA GLN A 95 29.72 -20.48 9.42
C GLN A 95 28.77 -19.65 10.29
N LEU A 96 27.47 -19.88 10.14
CA LEU A 96 26.48 -19.15 10.93
C LEU A 96 26.23 -19.79 12.29
N LYS A 97 26.69 -21.03 12.45
CA LYS A 97 26.49 -21.77 13.69
C LYS A 97 27.10 -21.06 14.89
N ALA A 98 28.21 -20.38 14.68
CA ALA A 98 28.93 -19.76 15.79
C ALA A 98 28.26 -18.49 16.31
N TYR A 99 27.31 -17.95 15.55
CA TYR A 99 26.71 -16.66 15.89
C TYR A 99 25.48 -16.80 16.81
N LEU A 100 25.73 -17.22 18.04
CA LEU A 100 24.68 -17.58 18.99
C LEU A 100 23.92 -16.38 19.58
N SER A 101 24.25 -15.17 19.16
CA SER A 101 23.59 -13.97 19.65
C SER A 101 23.07 -13.15 18.49
N LEU A 102 23.35 -13.61 17.27
CA LEU A 102 22.98 -12.90 16.06
C LEU A 102 21.46 -12.72 15.96
N GLU A 103 21.01 -11.47 15.89
CA GLU A 103 19.59 -11.17 15.79
C GLU A 103 19.24 -10.52 14.46
N VAL A 104 20.14 -9.66 13.97
CA VAL A 104 19.95 -9.02 12.68
C VAL A 104 21.04 -9.45 11.68
N LEU A 105 20.63 -9.94 10.53
CA LEU A 105 21.56 -10.36 9.49
C LEU A 105 21.11 -9.80 8.15
N ASP A 106 21.89 -8.85 7.62
CA ASP A 106 21.58 -8.26 6.31
C ASP A 106 22.46 -8.89 5.23
N LEU A 107 21.83 -9.65 4.35
CA LEU A 107 22.55 -10.31 3.27
C LEU A 107 22.07 -9.80 1.92
N SER A 108 21.46 -8.62 1.94
CA SER A 108 20.84 -8.06 0.74
C SER A 108 21.89 -7.60 -0.27
N LEU A 109 21.52 -7.55 -1.54
CA LEU A 109 22.37 -7.06 -2.62
C LEU A 109 23.71 -7.82 -2.75
N ASN A 110 23.63 -9.15 -2.71
CA ASN A 110 24.77 -10.01 -2.97
C ASN A 110 24.58 -10.80 -4.27
N ASN A 111 25.24 -11.95 -4.40
CA ASN A 111 25.05 -12.80 -5.58
C ASN A 111 24.48 -14.16 -5.23
N ILE A 112 23.60 -14.18 -4.23
CA ILE A 112 22.99 -15.43 -3.80
C ILE A 112 21.89 -15.86 -4.78
N THR A 113 21.97 -17.10 -5.25
CA THR A 113 21.01 -17.60 -6.24
C THR A 113 20.06 -18.65 -5.66
N GLU A 114 20.44 -19.24 -4.54
CA GLU A 114 19.71 -20.37 -3.99
C GLU A 114 19.75 -20.35 -2.46
N VAL A 115 18.68 -20.84 -1.83
CA VAL A 115 18.69 -21.06 -0.40
C VAL A 115 18.27 -22.51 -0.11
N ARG A 116 19.13 -23.24 0.59
CA ARG A 116 18.77 -24.58 1.02
C ARG A 116 18.58 -24.59 2.54
N ASN A 117 18.17 -25.73 3.08
CA ASN A 117 17.91 -25.84 4.51
C ASN A 117 19.17 -25.63 5.32
N THR A 118 20.28 -26.15 4.82
CA THR A 118 21.57 -26.09 5.50
C THR A 118 22.09 -24.66 5.67
N CYS A 119 21.57 -23.73 4.88
CA CYS A 119 22.03 -22.34 4.94
C CYS A 119 21.73 -21.68 6.29
N PHE A 120 20.56 -21.97 6.86
CA PHE A 120 20.13 -21.34 8.11
C PHE A 120 19.71 -22.37 9.15
N PRO A 121 20.70 -23.04 9.77
CA PRO A 121 20.45 -24.10 10.75
C PRO A 121 19.97 -23.55 12.07
N HIS A 122 19.48 -24.44 12.94
CA HIS A 122 19.18 -24.08 14.31
C HIS A 122 20.49 -23.67 14.99
N GLY A 123 20.52 -22.44 15.50
CA GLY A 123 21.72 -21.92 16.13
C GLY A 123 21.60 -20.43 16.40
N PRO A 124 21.90 -19.62 15.38
CA PRO A 124 21.74 -18.16 15.50
C PRO A 124 20.27 -17.77 15.65
N PRO A 125 19.93 -17.02 16.71
CA PRO A 125 18.53 -16.65 16.97
C PRO A 125 18.11 -15.43 16.15
N ILE A 126 18.18 -15.54 14.83
CA ILE A 126 17.89 -14.42 13.95
C ILE A 126 16.42 -13.99 14.05
N LYS A 127 16.21 -12.69 14.23
CA LYS A 127 14.87 -12.11 14.30
C LYS A 127 14.52 -11.48 12.96
N GLU A 128 15.51 -10.87 12.34
CA GLU A 128 15.35 -10.22 11.06
C GLU A 128 16.40 -10.73 10.06
N LEU A 129 15.93 -11.38 9.00
CA LEU A 129 16.80 -11.84 7.93
C LEU A 129 16.45 -11.10 6.64
N ASN A 130 17.43 -10.39 6.09
CA ASN A 130 17.21 -9.62 4.88
C ASN A 130 18.01 -10.20 3.70
N LEU A 131 17.28 -10.76 2.73
CA LEU A 131 17.91 -11.38 1.56
C LEU A 131 17.52 -10.67 0.27
N ALA A 132 17.07 -9.42 0.39
CA ALA A 132 16.54 -8.68 -0.74
C ALA A 132 17.62 -8.33 -1.77
N GLY A 133 17.24 -8.23 -3.04
CA GLY A 133 18.15 -7.75 -4.07
C GLY A 133 19.27 -8.70 -4.43
N ASN A 134 19.07 -10.00 -4.17
CA ASN A 134 19.95 -11.02 -4.71
C ASN A 134 19.41 -11.53 -6.03
N ARG A 135 19.71 -12.78 -6.37
CA ARG A 135 19.18 -13.41 -7.57
C ARG A 135 18.59 -14.77 -7.20
N ILE A 136 17.96 -14.82 -6.02
CA ILE A 136 17.39 -16.06 -5.52
C ILE A 136 16.24 -16.54 -6.39
N GLY A 137 16.43 -17.70 -7.01
CA GLY A 137 15.42 -18.28 -7.88
C GLY A 137 14.99 -19.65 -7.40
N THR A 138 15.60 -20.13 -6.32
CA THR A 138 15.26 -21.43 -5.76
C THR A 138 15.29 -21.41 -4.24
N LEU A 139 14.19 -21.84 -3.64
CA LEU A 139 14.10 -22.01 -2.19
C LEU A 139 13.77 -23.46 -1.90
N GLU A 140 14.60 -24.13 -1.11
CA GLU A 140 14.26 -25.49 -0.68
C GLU A 140 13.11 -25.38 0.31
N LEU A 141 12.24 -26.40 0.29
CA LEU A 141 11.12 -26.46 1.22
C LEU A 141 11.65 -26.57 2.65
N GLY A 142 11.48 -25.50 3.43
CA GLY A 142 11.93 -25.48 4.81
C GLY A 142 13.22 -24.70 5.02
N ALA A 143 13.59 -23.89 4.02
CA ALA A 143 14.85 -23.16 4.02
C ALA A 143 15.11 -22.36 5.29
N PHE A 144 14.07 -21.76 5.84
CA PHE A 144 14.23 -20.87 6.99
C PHE A 144 13.67 -21.49 8.28
N ASP A 145 13.13 -22.69 8.17
CA ASP A 145 12.47 -23.35 9.29
C ASP A 145 13.38 -23.53 10.51
N GLY A 146 14.69 -23.54 10.28
CA GLY A 146 15.65 -23.61 11.37
C GLY A 146 15.58 -22.36 12.25
N LEU A 147 15.08 -21.27 11.68
CA LEU A 147 15.00 -20.00 12.40
C LEU A 147 13.61 -19.75 12.98
N SER A 148 12.78 -20.79 12.98
CA SER A 148 11.35 -20.64 13.31
C SER A 148 11.08 -20.08 14.71
N ARG A 149 11.94 -20.43 15.67
CA ARG A 149 11.70 -20.03 17.06
C ARG A 149 11.98 -18.54 17.30
N SER A 150 12.61 -17.87 16.35
CA SER A 150 13.04 -16.49 16.56
C SER A 150 12.64 -15.53 15.44
N LEU A 151 12.53 -16.05 14.22
CA LEU A 151 12.40 -15.17 13.05
C LEU A 151 11.08 -14.40 13.05
N LEU A 152 11.16 -13.09 12.93
CA LEU A 152 9.99 -12.21 12.97
C LEU A 152 9.80 -11.48 11.64
N THR A 153 10.91 -11.19 10.98
CA THR A 153 10.89 -10.45 9.73
C THR A 153 11.76 -11.16 8.69
N LEU A 154 11.23 -11.30 7.48
CA LEU A 154 11.95 -11.98 6.41
C LEU A 154 11.72 -11.27 5.08
N ARG A 155 12.79 -10.69 4.54
CA ARG A 155 12.70 -9.91 3.32
C ARG A 155 13.29 -10.67 2.13
N LEU A 156 12.47 -10.86 1.11
CA LEU A 156 12.90 -11.60 -0.07
C LEU A 156 12.60 -10.78 -1.33
N SER A 157 12.60 -9.46 -1.16
CA SER A 157 12.27 -8.55 -2.25
C SER A 157 13.33 -8.58 -3.34
N LYS A 158 12.94 -8.21 -4.55
CA LYS A 158 13.85 -8.05 -5.69
C LYS A 158 14.72 -9.27 -5.94
N ASN A 159 14.10 -10.45 -5.91
CA ASN A 159 14.80 -11.67 -6.28
C ASN A 159 14.20 -12.25 -7.57
N ARG A 160 14.31 -13.57 -7.74
CA ARG A 160 13.75 -14.21 -8.93
C ARG A 160 12.90 -15.42 -8.54
N ILE A 161 12.14 -15.29 -7.46
CA ILE A 161 11.32 -16.38 -6.95
C ILE A 161 10.07 -16.55 -7.83
N THR A 162 9.82 -17.78 -8.26
CA THR A 162 8.86 -18.06 -9.32
C THR A 162 7.56 -18.67 -8.84
N GLN A 163 7.62 -19.48 -7.79
CA GLN A 163 6.43 -20.10 -7.25
C GLN A 163 6.63 -20.45 -5.78
N LEU A 164 5.54 -20.83 -5.13
CA LEU A 164 5.62 -21.29 -3.75
C LEU A 164 4.77 -22.54 -3.59
N PRO A 165 5.32 -23.56 -2.91
CA PRO A 165 4.54 -24.78 -2.66
C PRO A 165 3.49 -24.57 -1.57
N VAL A 166 2.57 -25.51 -1.46
CA VAL A 166 1.63 -25.53 -0.36
C VAL A 166 2.40 -25.66 0.95
N ARG A 167 1.99 -24.90 1.95
CA ARG A 167 2.63 -24.93 3.28
C ARG A 167 4.15 -24.68 3.14
N ALA A 168 4.48 -23.60 2.45
CA ALA A 168 5.86 -23.26 2.14
C ALA A 168 6.70 -23.01 3.39
N PHE A 169 6.17 -22.23 4.32
CA PHE A 169 6.91 -21.83 5.50
C PHE A 169 6.34 -22.41 6.79
N LYS A 170 7.23 -22.86 7.67
CA LYS A 170 6.83 -23.16 9.04
C LYS A 170 7.53 -22.18 9.96
N LEU A 171 7.05 -20.94 9.96
CA LEU A 171 7.63 -19.85 10.73
C LEU A 171 6.57 -19.14 11.57
N PRO A 172 6.07 -19.83 12.62
CA PRO A 172 4.85 -19.44 13.34
C PRO A 172 4.95 -18.12 14.12
N ARG A 173 6.11 -17.47 14.09
CA ARG A 173 6.27 -16.20 14.82
C ARG A 173 6.58 -15.04 13.89
N LEU A 174 6.78 -15.34 12.61
CA LEU A 174 7.00 -14.30 11.61
C LEU A 174 5.83 -13.31 11.59
N THR A 175 6.14 -12.01 11.67
CA THR A 175 5.09 -11.01 11.60
C THR A 175 5.07 -10.28 10.26
N GLN A 176 6.16 -10.37 9.51
CA GLN A 176 6.23 -9.72 8.21
C GLN A 176 7.02 -10.53 7.18
N LEU A 177 6.36 -10.82 6.06
CA LEU A 177 6.99 -11.51 4.95
C LEU A 177 6.97 -10.60 3.73
N ASP A 178 8.14 -10.39 3.13
CA ASP A 178 8.28 -9.42 2.07
C ASP A 178 8.70 -10.10 0.75
N LEU A 179 7.74 -10.32 -0.13
CA LEU A 179 7.99 -11.07 -1.35
C LEU A 179 7.76 -10.23 -2.61
N ASN A 180 7.86 -8.92 -2.48
CA ASN A 180 7.55 -8.05 -3.60
C ASN A 180 8.69 -7.99 -4.63
N ARG A 181 8.33 -7.66 -5.87
CA ARG A 181 9.26 -7.61 -6.99
C ARG A 181 9.95 -8.96 -7.21
N ASN A 182 9.16 -10.01 -7.24
CA ASN A 182 9.64 -11.32 -7.67
C ASN A 182 8.89 -11.76 -8.93
N ARG A 183 8.84 -13.06 -9.18
CA ARG A 183 8.22 -13.55 -10.41
C ARG A 183 7.15 -14.61 -10.15
N ILE A 184 6.43 -14.46 -9.04
CA ILE A 184 5.33 -15.37 -8.72
C ILE A 184 4.14 -15.07 -9.62
N ARG A 185 3.60 -16.11 -10.26
CA ARG A 185 2.46 -15.92 -11.17
C ARG A 185 1.15 -16.39 -10.55
N LEU A 186 1.26 -17.16 -9.47
CA LEU A 186 0.11 -17.87 -8.94
C LEU A 186 0.35 -18.28 -7.48
N ILE A 187 -0.66 -18.10 -6.64
CA ILE A 187 -0.59 -18.58 -5.27
C ILE A 187 -1.56 -19.73 -5.09
N GLU A 188 -1.03 -20.88 -4.70
CA GLU A 188 -1.84 -22.07 -4.49
C GLU A 188 -2.56 -22.02 -3.15
N GLY A 189 -3.56 -22.88 -2.99
CA GLY A 189 -4.28 -22.98 -1.73
C GLY A 189 -3.37 -23.37 -0.58
N LEU A 190 -3.48 -22.63 0.52
CA LEU A 190 -2.77 -22.92 1.78
C LEU A 190 -1.26 -22.73 1.66
N THR A 191 -0.83 -21.92 0.69
CA THR A 191 0.58 -21.59 0.50
C THR A 191 1.21 -21.03 1.78
N PHE A 192 0.44 -20.21 2.50
CA PHE A 192 0.98 -19.49 3.64
C PHE A 192 0.52 -20.03 4.99
N GLN A 193 -0.06 -21.22 5.00
CA GLN A 193 -0.35 -21.87 6.27
C GLN A 193 0.97 -22.28 6.95
N GLY A 194 1.12 -21.90 8.21
CA GLY A 194 2.37 -22.08 8.92
C GLY A 194 2.89 -20.74 9.40
N LEU A 195 2.24 -19.68 8.93
CA LEU A 195 2.58 -18.32 9.31
C LEU A 195 1.51 -17.73 10.24
N ASN A 196 1.34 -18.37 11.40
CA ASN A 196 0.27 -18.01 12.33
C ASN A 196 0.26 -16.54 12.74
N SER A 197 1.43 -15.98 12.99
CA SER A 197 1.54 -14.64 13.56
C SER A 197 1.63 -13.54 12.51
N LEU A 198 1.54 -13.91 11.23
CA LEU A 198 1.81 -12.94 10.16
C LEU A 198 0.82 -11.78 10.19
N GLU A 199 1.36 -10.57 10.05
CA GLU A 199 0.55 -9.35 10.09
C GLU A 199 0.59 -8.64 8.75
N VAL A 200 1.74 -8.68 8.09
CA VAL A 200 1.92 -8.00 6.82
C VAL A 200 2.49 -8.95 5.76
N LEU A 201 1.79 -9.03 4.63
CA LEU A 201 2.28 -9.80 3.49
C LEU A 201 2.39 -8.88 2.28
N LYS A 202 3.60 -8.81 1.74
CA LYS A 202 3.86 -7.98 0.57
C LYS A 202 4.13 -8.86 -0.65
N LEU A 203 3.22 -8.79 -1.62
CA LEU A 203 3.31 -9.62 -2.82
C LEU A 203 3.23 -8.76 -4.09
N GLN A 204 3.52 -7.47 -3.96
CA GLN A 204 3.31 -6.57 -5.08
C GLN A 204 4.42 -6.68 -6.11
N ARG A 205 4.13 -6.21 -7.32
CA ARG A 205 5.07 -6.21 -8.43
C ARG A 205 5.61 -7.60 -8.73
N ASN A 206 4.73 -8.59 -8.61
CA ASN A 206 4.99 -9.91 -9.17
C ASN A 206 4.23 -10.01 -10.50
N ASN A 207 3.93 -11.22 -10.97
CA ASN A 207 3.11 -11.36 -12.16
C ASN A 207 1.88 -12.20 -11.86
N ILE A 208 1.30 -11.99 -10.69
CA ILE A 208 0.23 -12.84 -10.19
C ILE A 208 -1.05 -12.72 -11.02
N SER A 209 -1.41 -13.82 -11.69
CA SER A 209 -2.57 -13.87 -12.57
C SER A 209 -3.76 -14.53 -11.88
N LYS A 210 -3.47 -15.42 -10.93
CA LYS A 210 -4.52 -16.20 -10.29
C LYS A 210 -4.27 -16.45 -8.82
N LEU A 211 -5.24 -16.06 -7.99
CA LEU A 211 -5.27 -16.45 -6.60
C LEU A 211 -6.22 -17.62 -6.44
N THR A 212 -5.68 -18.78 -6.07
CA THR A 212 -6.49 -19.98 -5.87
C THR A 212 -7.41 -19.80 -4.65
N ASP A 213 -8.54 -20.49 -4.63
CA ASP A 213 -9.35 -20.59 -3.43
C ASP A 213 -8.47 -21.03 -2.25
N GLY A 214 -8.52 -20.28 -1.16
CA GLY A 214 -7.77 -20.64 0.03
C GLY A 214 -6.30 -20.26 -0.05
N ALA A 215 -5.96 -19.43 -1.03
CA ALA A 215 -4.59 -18.93 -1.20
C ALA A 215 -3.99 -18.40 0.09
N PHE A 216 -4.81 -17.67 0.85
CA PHE A 216 -4.35 -17.01 2.05
C PHE A 216 -4.95 -17.60 3.32
N TRP A 217 -5.53 -18.79 3.23
CA TRP A 217 -6.07 -19.44 4.41
C TRP A 217 -4.93 -19.82 5.33
N GLY A 218 -5.11 -19.60 6.62
CA GLY A 218 -4.05 -19.79 7.60
C GLY A 218 -3.54 -18.46 8.12
N LEU A 219 -3.70 -17.42 7.30
CA LEU A 219 -3.25 -16.08 7.68
C LEU A 219 -4.32 -15.33 8.45
N SER A 220 -4.83 -15.95 9.52
CA SER A 220 -5.97 -15.41 10.25
C SER A 220 -5.62 -14.21 11.13
N LYS A 221 -4.33 -13.85 11.19
CA LYS A 221 -3.92 -12.72 12.01
C LYS A 221 -3.41 -11.57 11.15
N MET A 222 -3.44 -11.76 9.84
CA MET A 222 -2.91 -10.76 8.92
C MET A 222 -3.80 -9.50 8.86
N HIS A 223 -3.17 -8.34 8.95
CA HIS A 223 -3.89 -7.07 8.94
C HIS A 223 -3.74 -6.35 7.60
N VAL A 224 -2.61 -6.58 6.92
CA VAL A 224 -2.33 -5.87 5.67
C VAL A 224 -1.87 -6.82 4.57
N LEU A 225 -2.49 -6.69 3.40
CA LEU A 225 -2.12 -7.51 2.24
C LEU A 225 -1.85 -6.61 1.03
N HIS A 226 -0.60 -6.62 0.57
CA HIS A 226 -0.18 -5.82 -0.57
C HIS A 226 -0.13 -6.65 -1.85
N LEU A 227 -1.01 -6.33 -2.79
CA LEU A 227 -1.09 -7.07 -4.05
C LEU A 227 -1.07 -6.12 -5.26
N GLU A 228 -0.60 -4.90 -5.04
CA GLU A 228 -0.54 -3.92 -6.12
C GLU A 228 0.36 -4.41 -7.26
N TYR A 229 0.17 -3.82 -8.44
CA TYR A 229 1.01 -4.10 -9.61
C TYR A 229 1.13 -5.58 -9.93
N ASN A 230 -0.01 -6.25 -10.05
CA ASN A 230 -0.01 -7.63 -10.50
C ASN A 230 -0.91 -7.77 -11.73
N SER A 231 -1.38 -8.99 -12.01
CA SER A 231 -2.13 -9.23 -13.24
C SER A 231 -3.54 -9.79 -13.00
N LEU A 232 -4.13 -9.47 -11.86
CA LEU A 232 -5.46 -9.98 -11.53
C LEU A 232 -6.54 -9.30 -12.37
N VAL A 233 -7.35 -10.10 -13.06
CA VAL A 233 -8.50 -9.57 -13.79
C VAL A 233 -9.73 -9.55 -12.87
N GLU A 234 -9.64 -10.26 -11.77
CA GLU A 234 -10.70 -10.29 -10.77
C GLU A 234 -10.15 -10.80 -9.44
N VAL A 235 -10.92 -10.62 -8.38
CA VAL A 235 -10.60 -11.23 -7.09
C VAL A 235 -11.67 -12.25 -6.75
N ASN A 236 -11.33 -13.53 -6.90
CA ASN A 236 -12.28 -14.59 -6.60
C ASN A 236 -12.57 -14.68 -5.12
N SER A 237 -13.84 -14.91 -4.79
CA SER A 237 -14.31 -14.96 -3.42
C SER A 237 -13.53 -15.98 -2.57
N GLY A 238 -13.31 -17.15 -3.14
CA GLY A 238 -12.62 -18.21 -2.43
C GLY A 238 -11.19 -17.85 -2.04
N SER A 239 -10.59 -16.91 -2.76
CA SER A 239 -9.20 -16.54 -2.50
C SER A 239 -9.03 -15.72 -1.22
N LEU A 240 -10.15 -15.20 -0.72
CA LEU A 240 -10.12 -14.36 0.49
C LEU A 240 -10.52 -15.14 1.74
N TYR A 241 -10.87 -16.41 1.53
CA TYR A 241 -11.32 -17.28 2.62
C TYR A 241 -10.27 -17.44 3.72
N GLY A 242 -10.60 -16.98 4.92
CA GLY A 242 -9.72 -17.14 6.08
C GLY A 242 -9.02 -15.87 6.51
N LEU A 243 -9.33 -14.76 5.84
CA LEU A 243 -8.66 -13.49 6.14
C LEU A 243 -9.46 -12.65 7.13
N THR A 244 -9.86 -13.31 8.22
CA THR A 244 -10.78 -12.76 9.19
C THR A 244 -10.33 -11.46 9.88
N ALA A 245 -9.02 -11.27 10.00
CA ALA A 245 -8.49 -10.10 10.71
C ALA A 245 -7.97 -9.03 9.77
N LEU A 246 -8.21 -9.21 8.48
CA LEU A 246 -7.67 -8.29 7.47
C LEU A 246 -8.25 -6.88 7.64
N HIS A 247 -7.38 -5.88 7.63
CA HIS A 247 -7.79 -4.48 7.80
C HIS A 247 -7.53 -3.64 6.56
N GLN A 248 -6.49 -3.98 5.80
CA GLN A 248 -6.14 -3.24 4.60
C GLN A 248 -5.90 -4.16 3.42
N LEU A 249 -6.56 -3.89 2.30
CA LEU A 249 -6.35 -4.65 1.07
C LEU A 249 -5.99 -3.70 -0.06
N HIS A 250 -4.81 -3.91 -0.64
CA HIS A 250 -4.31 -3.04 -1.70
C HIS A 250 -4.27 -3.77 -3.03
N LEU A 251 -5.18 -3.41 -3.93
CA LEU A 251 -5.32 -4.12 -5.19
C LEU A 251 -5.09 -3.20 -6.38
N SER A 252 -4.55 -2.03 -6.11
CA SER A 252 -4.29 -1.03 -7.15
C SER A 252 -3.39 -1.54 -8.27
N ASN A 253 -3.54 -0.96 -9.45
CA ASN A 253 -2.70 -1.27 -10.60
C ASN A 253 -2.68 -2.74 -10.97
N ASN A 254 -3.86 -3.37 -10.87
CA ASN A 254 -4.11 -4.66 -11.48
C ASN A 254 -4.99 -4.46 -12.73
N SER A 255 -5.77 -5.47 -13.07
CA SER A 255 -6.68 -5.37 -14.21
C SER A 255 -8.11 -5.79 -13.81
N ILE A 256 -8.44 -5.58 -12.54
CA ILE A 256 -9.70 -6.03 -11.99
C ILE A 256 -10.89 -5.36 -12.70
N ALA A 257 -11.77 -6.18 -13.26
CA ALA A 257 -12.84 -5.70 -14.13
C ALA A 257 -14.23 -5.88 -13.51
N ARG A 258 -14.27 -6.55 -12.36
CA ARG A 258 -15.51 -6.76 -11.62
C ARG A 258 -15.20 -7.21 -10.20
N ILE A 259 -16.12 -6.95 -9.27
CA ILE A 259 -15.95 -7.41 -7.91
C ILE A 259 -17.13 -8.29 -7.48
N HIS A 260 -16.80 -9.38 -6.79
CA HIS A 260 -17.81 -10.31 -6.31
C HIS A 260 -18.16 -10.05 -4.84
N ARG A 261 -19.43 -10.23 -4.51
CA ARG A 261 -19.94 -9.90 -3.18
C ARG A 261 -19.56 -10.92 -2.11
N LYS A 262 -19.61 -12.20 -2.47
CA LYS A 262 -19.42 -13.30 -1.52
C LYS A 262 -18.11 -13.20 -0.73
N GLY A 263 -17.05 -12.80 -1.41
CA GLY A 263 -15.72 -12.78 -0.81
C GLY A 263 -15.53 -11.84 0.37
N TRP A 264 -16.34 -10.78 0.42
CA TRP A 264 -16.22 -9.80 1.49
C TRP A 264 -16.73 -10.34 2.83
N SER A 265 -17.48 -11.44 2.77
CA SER A 265 -17.94 -12.12 3.99
C SER A 265 -16.77 -12.68 4.81
N PHE A 266 -15.65 -12.92 4.15
CA PHE A 266 -14.52 -13.62 4.78
C PHE A 266 -13.53 -12.64 5.40
N CYS A 267 -13.76 -11.35 5.19
CA CYS A 267 -12.93 -10.31 5.80
C CYS A 267 -13.79 -9.12 6.21
N GLN A 268 -14.68 -9.35 7.17
CA GLN A 268 -15.69 -8.37 7.56
C GLN A 268 -15.11 -7.21 8.36
N LYS A 269 -13.92 -7.41 8.92
CA LYS A 269 -13.29 -6.40 9.76
C LYS A 269 -12.42 -5.45 8.92
N LEU A 270 -12.61 -5.48 7.61
CA LEU A 270 -11.83 -4.63 6.71
C LEU A 270 -12.09 -3.15 7.00
N HIS A 271 -11.05 -2.34 6.87
CA HIS A 271 -11.11 -0.94 7.25
C HIS A 271 -10.76 -0.04 6.06
N GLU A 272 -9.81 -0.49 5.24
CA GLU A 272 -9.45 0.23 4.03
C GLU A 272 -9.33 -0.71 2.84
N LEU A 273 -10.00 -0.36 1.75
CA LEU A 273 -9.96 -1.14 0.52
C LEU A 273 -9.58 -0.23 -0.63
N VAL A 274 -8.48 -0.56 -1.31
CA VAL A 274 -7.97 0.28 -2.39
C VAL A 274 -8.03 -0.45 -3.72
N LEU A 275 -8.97 -0.05 -4.56
CA LEU A 275 -9.17 -0.68 -5.86
C LEU A 275 -8.89 0.30 -6.98
N SER A 276 -8.17 1.37 -6.65
CA SER A 276 -7.81 2.40 -7.63
C SER A 276 -6.95 1.82 -8.76
N PHE A 277 -6.92 2.52 -9.89
CA PHE A 277 -6.15 2.09 -11.06
C PHE A 277 -6.43 0.65 -11.47
N ASN A 278 -7.69 0.36 -11.76
CA ASN A 278 -8.07 -0.93 -12.31
C ASN A 278 -9.04 -0.72 -13.49
N ASN A 279 -9.82 -1.73 -13.83
CA ASN A 279 -10.67 -1.63 -15.02
C ASN A 279 -12.16 -1.80 -14.73
N LEU A 280 -12.58 -1.40 -13.53
CA LEU A 280 -13.98 -1.50 -13.15
C LEU A 280 -14.85 -0.57 -14.01
N THR A 281 -16.03 -1.06 -14.40
CA THR A 281 -16.92 -0.28 -15.25
C THR A 281 -18.23 0.05 -14.56
N ARG A 282 -18.58 -0.73 -13.54
CA ARG A 282 -19.86 -0.58 -12.87
C ARG A 282 -19.79 -1.01 -11.42
N LEU A 283 -20.73 -0.49 -10.62
CA LEU A 283 -20.87 -0.90 -9.23
C LEU A 283 -22.30 -1.38 -8.99
N ASP A 284 -22.42 -2.67 -8.67
CA ASP A 284 -23.73 -3.29 -8.53
C ASP A 284 -24.26 -3.25 -7.10
N GLU A 285 -25.58 -3.38 -6.99
CA GLU A 285 -26.29 -3.34 -5.71
C GLU A 285 -25.69 -4.26 -4.65
N GLU A 286 -25.42 -3.70 -3.48
CA GLU A 286 -24.95 -4.46 -2.33
C GLU A 286 -23.69 -5.29 -2.59
N SER A 287 -22.90 -4.91 -3.62
CA SER A 287 -21.73 -5.69 -3.97
C SER A 287 -20.66 -5.58 -2.88
N LEU A 288 -20.85 -4.62 -1.99
CA LEU A 288 -19.91 -4.35 -0.92
C LEU A 288 -20.56 -4.44 0.45
N ALA A 289 -21.77 -4.98 0.49
CA ALA A 289 -22.63 -4.91 1.68
C ALA A 289 -22.02 -5.47 2.96
N GLU A 290 -21.21 -6.51 2.85
CA GLU A 290 -20.70 -7.20 4.04
C GLU A 290 -19.55 -6.44 4.71
N LEU A 291 -19.01 -5.44 4.03
CA LEU A 291 -17.90 -4.67 4.57
C LEU A 291 -18.38 -3.54 5.49
N SER A 292 -19.05 -3.92 6.58
CA SER A 292 -19.76 -2.95 7.42
C SER A 292 -18.86 -2.18 8.37
N SER A 293 -17.58 -2.54 8.43
CA SER A 293 -16.62 -1.81 9.25
C SER A 293 -15.68 -0.98 8.39
N LEU A 294 -15.89 -1.04 7.07
CA LEU A 294 -15.04 -0.32 6.13
C LEU A 294 -15.13 1.18 6.33
N SER A 295 -13.98 1.83 6.41
CA SER A 295 -13.92 3.27 6.68
C SER A 295 -13.48 4.07 5.46
N VAL A 296 -12.63 3.45 4.62
CA VAL A 296 -12.05 4.13 3.48
C VAL A 296 -12.15 3.25 2.23
N LEU A 297 -12.71 3.81 1.15
CA LEU A 297 -12.85 3.07 -0.10
C LEU A 297 -12.33 3.89 -1.26
N ARG A 298 -11.36 3.34 -1.99
CA ARG A 298 -10.72 4.06 -3.06
C ARG A 298 -10.95 3.37 -4.38
N LEU A 299 -11.64 4.05 -5.29
CA LEU A 299 -12.08 3.48 -6.55
C LEU A 299 -11.70 4.38 -7.71
N SER A 300 -10.79 5.32 -7.46
CA SER A 300 -10.42 6.29 -8.47
C SER A 300 -9.61 5.63 -9.59
N HIS A 301 -9.57 6.28 -10.74
CA HIS A 301 -8.81 5.81 -11.90
C HIS A 301 -9.24 4.41 -12.35
N ASN A 302 -10.56 4.20 -12.38
CA ASN A 302 -11.17 3.09 -13.09
C ASN A 302 -11.96 3.63 -14.26
N SER A 303 -12.95 2.88 -14.72
CA SER A 303 -13.84 3.36 -15.79
C SER A 303 -15.30 3.21 -15.37
N ILE A 304 -15.56 3.42 -14.08
CA ILE A 304 -16.90 3.28 -13.53
C ILE A 304 -17.84 4.31 -14.16
N SER A 305 -18.88 3.84 -14.83
CA SER A 305 -19.87 4.73 -15.44
C SER A 305 -21.27 4.48 -14.89
N HIS A 306 -21.50 3.28 -14.36
CA HIS A 306 -22.80 2.95 -13.79
C HIS A 306 -22.70 2.57 -12.31
N ILE A 307 -23.37 3.33 -11.47
CA ILE A 307 -23.47 3.00 -10.05
C ILE A 307 -24.92 2.72 -9.70
N ALA A 308 -25.22 1.45 -9.43
CA ALA A 308 -26.59 1.04 -9.11
C ALA A 308 -27.07 1.66 -7.82
N GLU A 309 -28.38 1.74 -7.65
CA GLU A 309 -28.98 2.18 -6.40
C GLU A 309 -28.68 1.14 -5.32
N GLY A 310 -28.10 1.60 -4.21
CA GLY A 310 -27.76 0.70 -3.12
C GLY A 310 -26.44 -0.03 -3.33
N ALA A 311 -25.65 0.45 -4.27
CA ALA A 311 -24.32 -0.10 -4.52
C ALA A 311 -23.47 0.02 -3.27
N PHE A 312 -23.76 1.03 -2.46
CA PHE A 312 -22.99 1.31 -1.25
C PHE A 312 -23.77 1.02 0.02
N LYS A 313 -24.88 0.30 -0.11
CA LYS A 313 -25.66 -0.08 1.06
C LYS A 313 -24.92 -1.13 1.90
N GLY A 314 -24.96 -0.96 3.21
CA GLY A 314 -24.24 -1.83 4.12
C GLY A 314 -23.00 -1.14 4.66
N LEU A 315 -22.53 -0.13 3.94
CA LEU A 315 -21.30 0.58 4.31
C LEU A 315 -21.55 1.67 5.34
N ARG A 316 -22.12 1.27 6.48
CA ARG A 316 -22.53 2.23 7.52
C ARG A 316 -21.33 2.89 8.21
N SER A 317 -20.14 2.32 8.03
CA SER A 317 -18.94 2.85 8.68
C SER A 317 -18.13 3.76 7.76
N LEU A 318 -18.49 3.82 6.48
CA LEU A 318 -17.68 4.53 5.50
C LEU A 318 -17.57 6.02 5.83
N ARG A 319 -16.39 6.59 5.58
CA ARG A 319 -16.14 8.00 5.89
C ARG A 319 -15.54 8.69 4.67
N VAL A 320 -14.76 7.95 3.89
CA VAL A 320 -14.08 8.50 2.73
C VAL A 320 -14.38 7.66 1.48
N LEU A 321 -14.97 8.29 0.46
CA LEU A 321 -15.21 7.59 -0.79
C LEU A 321 -14.55 8.34 -1.95
N ASP A 322 -13.63 7.65 -2.63
CA ASP A 322 -12.90 8.24 -3.74
C ASP A 322 -13.38 7.64 -5.07
N LEU A 323 -14.06 8.47 -5.85
CA LEU A 323 -14.54 8.06 -7.16
C LEU A 323 -13.99 8.98 -8.25
N ASP A 324 -12.86 9.61 -7.94
CA ASP A 324 -12.16 10.48 -8.89
C ASP A 324 -11.79 9.79 -10.19
N HIS A 325 -11.73 10.58 -11.26
CA HIS A 325 -11.21 10.13 -12.55
C HIS A 325 -11.80 8.81 -13.04
N ASN A 326 -13.12 8.74 -13.07
CA ASN A 326 -13.81 7.62 -13.69
C ASN A 326 -14.56 8.10 -14.92
N GLU A 327 -15.68 7.45 -15.22
CA GLU A 327 -16.54 7.87 -16.33
C GLU A 327 -17.93 8.18 -15.81
N ILE A 328 -18.00 8.77 -14.62
CA ILE A 328 -19.28 9.03 -13.98
C ILE A 328 -19.98 10.25 -14.57
N SER A 329 -21.25 10.08 -14.93
CA SER A 329 -22.05 11.18 -15.47
C SER A 329 -23.52 11.06 -15.05
N GLY A 330 -24.21 10.09 -15.64
CA GLY A 330 -25.63 9.90 -15.42
C GLY A 330 -26.02 9.68 -13.98
N THR A 331 -25.10 9.11 -13.19
CA THR A 331 -25.30 8.88 -11.77
C THR A 331 -25.72 10.15 -11.03
N ILE A 332 -25.01 11.23 -11.32
CA ILE A 332 -25.23 12.51 -10.68
C ILE A 332 -26.29 13.32 -11.42
N GLU A 333 -26.44 13.04 -12.71
CA GLU A 333 -27.43 13.74 -13.53
C GLU A 333 -28.87 13.26 -13.30
N ASP A 334 -29.11 11.95 -13.43
CA ASP A 334 -30.48 11.41 -13.38
C ASP A 334 -30.81 10.49 -12.20
N THR A 335 -29.90 9.56 -11.90
CA THR A 335 -30.11 8.52 -10.88
C THR A 335 -30.42 9.07 -9.49
N SER A 336 -31.25 8.34 -8.75
CA SER A 336 -31.44 8.60 -7.32
C SER A 336 -31.20 7.34 -6.47
N GLY A 337 -30.35 7.45 -5.45
CA GLY A 337 -30.16 6.36 -4.51
C GLY A 337 -28.85 5.60 -4.65
N ALA A 338 -27.96 6.11 -5.51
CA ALA A 338 -26.66 5.49 -5.69
C ALA A 338 -25.85 5.56 -4.40
N PHE A 339 -26.15 6.55 -3.57
CA PHE A 339 -25.36 6.80 -2.37
C PHE A 339 -26.12 6.52 -1.08
N SER A 340 -27.20 5.75 -1.17
CA SER A 340 -27.99 5.43 0.02
C SER A 340 -27.27 4.42 0.90
N GLY A 341 -27.36 4.59 2.21
CA GLY A 341 -26.65 3.75 3.15
C GLY A 341 -25.34 4.40 3.58
N LEU A 342 -25.00 5.50 2.93
CA LEU A 342 -23.78 6.24 3.20
C LEU A 342 -24.03 7.43 4.11
N ASP A 343 -24.86 7.23 5.14
CA ASP A 343 -25.22 8.31 6.05
C ASP A 343 -24.00 8.87 6.79
N SER A 344 -23.07 7.98 7.11
CA SER A 344 -21.91 8.33 7.92
C SER A 344 -20.78 8.96 7.12
N LEU A 345 -20.96 9.05 5.80
CA LEU A 345 -19.89 9.49 4.90
C LEU A 345 -19.50 10.94 5.15
N SER A 346 -18.20 11.20 5.23
CA SER A 346 -17.68 12.54 5.51
C SER A 346 -17.12 13.19 4.25
N LYS A 347 -16.36 12.44 3.49
CA LYS A 347 -15.71 12.98 2.31
C LYS A 347 -16.04 12.14 1.09
N LEU A 348 -16.37 12.81 0.00
CA LEU A 348 -16.64 12.15 -1.26
C LEU A 348 -16.07 12.99 -2.38
N THR A 349 -15.37 12.36 -3.31
CA THR A 349 -14.79 13.10 -4.42
C THR A 349 -15.14 12.45 -5.75
N LEU A 350 -15.57 13.30 -6.68
CA LEU A 350 -15.94 12.86 -8.02
C LEU A 350 -15.17 13.67 -9.05
N PHE A 351 -13.96 14.08 -8.67
CA PHE A 351 -13.13 14.94 -9.52
C PHE A 351 -12.80 14.28 -10.84
N GLY A 352 -12.88 15.05 -11.91
CA GLY A 352 -12.44 14.59 -13.22
C GLY A 352 -13.30 13.49 -13.81
N ASN A 353 -14.62 13.65 -13.70
CA ASN A 353 -15.55 12.75 -14.36
C ASN A 353 -16.26 13.46 -15.52
N LYS A 354 -17.40 12.93 -15.95
CA LYS A 354 -18.10 13.50 -17.09
C LYS A 354 -19.46 14.10 -16.70
N ILE A 355 -19.49 14.77 -15.55
CA ILE A 355 -20.75 15.30 -15.03
C ILE A 355 -21.12 16.65 -15.65
N LYS A 356 -22.31 16.72 -16.25
CA LYS A 356 -22.76 17.91 -16.97
C LYS A 356 -23.80 18.72 -16.18
N SER A 357 -24.44 18.07 -15.22
CA SER A 357 -25.48 18.73 -14.44
C SER A 357 -25.65 18.02 -13.10
N VAL A 358 -26.26 18.71 -12.15
CA VAL A 358 -26.42 18.17 -10.80
C VAL A 358 -27.88 18.18 -10.35
N ALA A 359 -28.39 17.01 -9.99
CA ALA A 359 -29.78 16.88 -9.55
C ALA A 359 -29.88 16.67 -8.05
N LYS A 360 -30.95 17.20 -7.46
CA LYS A 360 -31.19 17.11 -6.02
C LYS A 360 -31.22 15.67 -5.53
N ARG A 361 -31.82 14.79 -6.33
CA ARG A 361 -32.02 13.40 -5.95
C ARG A 361 -30.74 12.56 -5.99
N ALA A 362 -29.71 13.07 -6.66
CA ALA A 362 -28.46 12.35 -6.80
C ALA A 362 -27.78 12.09 -5.44
N PHE A 363 -27.99 13.01 -4.51
CA PHE A 363 -27.29 12.93 -3.23
C PHE A 363 -28.17 12.38 -2.11
N SER A 364 -29.15 11.56 -2.49
CA SER A 364 -29.98 10.88 -1.51
C SER A 364 -29.15 9.91 -0.67
N GLY A 365 -29.00 10.22 0.61
CA GLY A 365 -28.27 9.35 1.52
C GLY A 365 -26.91 9.89 1.93
N LEU A 366 -26.67 11.17 1.64
CA LEU A 366 -25.38 11.80 1.94
C LEU A 366 -25.52 12.99 2.89
N GLU A 367 -26.27 12.81 3.97
CA GLU A 367 -26.60 13.94 4.83
C GLU A 367 -25.44 14.35 5.76
N GLY A 368 -24.58 13.40 6.11
CA GLY A 368 -23.48 13.68 7.01
C GLY A 368 -22.27 14.28 6.32
N LEU A 369 -22.36 14.44 5.00
CA LEU A 369 -21.22 14.88 4.19
C LEU A 369 -20.68 16.24 4.59
N GLU A 370 -19.35 16.33 4.70
CA GLU A 370 -18.68 17.59 5.04
C GLU A 370 -17.84 18.11 3.89
N HIS A 371 -17.46 17.20 3.00
CA HIS A 371 -16.52 17.50 1.93
C HIS A 371 -16.99 16.87 0.62
N LEU A 372 -17.24 17.70 -0.38
CA LEU A 372 -17.66 17.22 -1.69
C LEU A 372 -16.82 17.83 -2.81
N ASN A 373 -16.24 16.97 -3.65
CA ASN A 373 -15.40 17.43 -4.74
C ASN A 373 -16.02 17.12 -6.10
N LEU A 374 -16.52 18.16 -6.77
CA LEU A 374 -17.11 18.03 -8.10
C LEU A 374 -16.29 18.78 -9.13
N GLY A 375 -15.05 19.12 -8.78
CA GLY A 375 -14.18 19.85 -9.69
C GLY A 375 -13.74 18.97 -10.84
N GLY A 376 -13.24 19.59 -11.91
CA GLY A 376 -12.81 18.85 -13.08
C GLY A 376 -14.00 18.21 -13.79
N ASN A 377 -15.17 18.81 -13.60
CA ASN A 377 -16.37 18.41 -14.31
C ASN A 377 -16.98 19.58 -15.07
N ALA A 378 -17.35 19.36 -16.32
CA ALA A 378 -17.96 20.41 -17.14
C ALA A 378 -19.46 20.57 -16.81
N ILE A 379 -19.73 20.97 -15.57
CA ILE A 379 -21.10 21.13 -15.09
C ILE A 379 -21.78 22.35 -15.72
N ARG A 380 -22.96 22.14 -16.30
CA ARG A 380 -23.69 23.21 -16.97
C ARG A 380 -24.73 23.87 -16.07
N SER A 381 -25.32 23.08 -15.17
CA SER A 381 -26.41 23.56 -14.34
C SER A 381 -26.54 22.77 -13.05
N VAL A 382 -27.03 23.43 -12.01
CA VAL A 382 -27.29 22.79 -10.73
C VAL A 382 -28.74 23.04 -10.32
N GLN A 383 -29.47 21.95 -10.03
CA GLN A 383 -30.88 22.07 -9.64
C GLN A 383 -31.04 22.90 -8.37
N PHE A 384 -32.13 23.66 -8.30
CA PHE A 384 -32.43 24.50 -7.14
C PHE A 384 -32.32 23.73 -5.83
N ASP A 385 -31.47 24.24 -4.94
CA ASP A 385 -31.24 23.63 -3.63
C ASP A 385 -30.79 22.17 -3.73
N ALA A 386 -29.88 21.89 -4.66
CA ALA A 386 -29.40 20.53 -4.89
C ALA A 386 -28.74 19.94 -3.65
N PHE A 387 -28.15 20.78 -2.82
CA PHE A 387 -27.40 20.32 -1.65
C PHE A 387 -28.15 20.57 -0.35
N VAL A 388 -29.48 20.58 -0.41
CA VAL A 388 -30.29 20.93 0.75
C VAL A 388 -30.17 19.91 1.88
N LYS A 389 -29.94 18.65 1.53
CA LYS A 389 -29.83 17.59 2.54
C LYS A 389 -28.49 17.61 3.27
N MET A 390 -27.50 18.28 2.69
CA MET A 390 -26.17 18.35 3.28
C MET A 390 -25.98 19.59 4.14
N LYS A 391 -26.56 19.57 5.34
CA LYS A 391 -26.46 20.70 6.25
C LYS A 391 -25.06 20.81 6.86
N ASN A 392 -24.30 19.71 6.81
CA ASN A 392 -22.96 19.70 7.38
C ASN A 392 -21.86 19.99 6.35
N LEU A 393 -22.26 20.24 5.12
CA LEU A 393 -21.30 20.50 4.05
C LEU A 393 -20.52 21.80 4.30
N LYS A 394 -19.21 21.67 4.44
CA LYS A 394 -18.36 22.83 4.71
C LYS A 394 -17.33 23.04 3.60
N GLU A 395 -17.22 22.09 2.69
CA GLU A 395 -16.24 22.19 1.60
C GLU A 395 -16.83 21.65 0.30
N LEU A 396 -16.87 22.50 -0.72
CA LEU A 396 -17.44 22.13 -2.01
C LEU A 396 -16.58 22.62 -3.18
N HIS A 397 -15.97 21.69 -3.89
CA HIS A 397 -15.11 22.03 -5.02
C HIS A 397 -15.87 22.00 -6.34
N ILE A 398 -15.87 23.14 -7.04
CA ILE A 398 -16.42 23.21 -8.39
C ILE A 398 -15.46 23.97 -9.29
N SER A 399 -15.18 23.42 -10.47
CA SER A 399 -14.38 24.13 -11.45
C SER A 399 -14.92 23.85 -12.86
N SER A 400 -15.79 24.75 -13.32
CA SER A 400 -16.43 24.61 -14.62
C SER A 400 -16.57 25.95 -15.33
N ASP A 401 -16.34 25.94 -16.63
CA ASP A 401 -16.60 27.11 -17.46
C ASP A 401 -17.72 26.80 -18.44
N SER A 402 -18.61 25.90 -18.04
CA SER A 402 -19.66 25.39 -18.92
C SER A 402 -21.06 25.76 -18.44
N PHE A 403 -21.14 26.69 -17.50
CA PHE A 403 -22.41 27.02 -16.86
C PHE A 403 -23.39 27.78 -17.75
N LEU A 404 -24.64 27.35 -17.72
CA LEU A 404 -25.74 28.10 -18.32
C LEU A 404 -26.29 29.04 -17.26
N CYS A 405 -26.06 30.33 -17.42
CA CYS A 405 -26.49 31.30 -16.42
C CYS A 405 -27.86 31.89 -16.76
N ASP A 406 -28.89 31.06 -16.64
CA ASP A 406 -30.27 31.50 -16.79
C ASP A 406 -30.91 31.60 -15.41
N CYS A 407 -32.24 31.61 -15.36
CA CYS A 407 -32.95 31.72 -14.09
C CYS A 407 -32.76 30.46 -13.23
N GLN A 408 -32.35 29.37 -13.86
CA GLN A 408 -32.17 28.10 -13.15
C GLN A 408 -30.90 28.07 -12.30
N LEU A 409 -29.96 28.96 -12.60
CA LEU A 409 -28.70 29.01 -11.87
C LEU A 409 -28.65 30.18 -10.88
N LYS A 410 -29.66 31.05 -10.96
CA LYS A 410 -29.74 32.26 -10.16
C LYS A 410 -29.59 32.03 -8.65
N TRP A 411 -30.06 30.89 -8.18
CA TRP A 411 -30.07 30.58 -6.76
C TRP A 411 -28.67 30.26 -6.21
N LEU A 412 -27.78 29.80 -7.08
CA LEU A 412 -26.52 29.19 -6.64
C LEU A 412 -25.51 30.16 -6.01
N PRO A 413 -25.20 31.31 -6.66
CA PRO A 413 -24.21 32.18 -6.01
C PRO A 413 -24.60 32.68 -4.60
N PRO A 414 -25.83 33.20 -4.40
CA PRO A 414 -26.10 33.64 -3.02
C PRO A 414 -26.16 32.50 -2.01
N TRP A 415 -26.53 31.30 -2.43
CA TRP A 415 -26.56 30.17 -1.51
C TRP A 415 -25.14 29.78 -1.09
N LEU A 416 -24.23 29.78 -2.06
CA LEU A 416 -22.84 29.40 -1.80
C LEU A 416 -22.16 30.38 -0.83
N ILE A 417 -22.36 31.68 -1.08
CA ILE A 417 -21.77 32.71 -0.24
C ILE A 417 -22.27 32.62 1.20
N GLY A 418 -23.56 32.33 1.36
CA GLY A 418 -24.17 32.24 2.67
C GLY A 418 -23.74 31.01 3.47
N ARG A 419 -23.20 30.01 2.78
CA ARG A 419 -22.76 28.78 3.44
C ARG A 419 -21.24 28.67 3.52
N MET A 420 -20.55 29.76 3.17
CA MET A 420 -19.08 29.82 3.17
C MET A 420 -18.45 28.82 2.21
N LEU A 421 -19.12 28.57 1.09
CA LEU A 421 -18.68 27.55 0.14
C LEU A 421 -18.11 28.12 -1.16
N GLN A 422 -17.93 29.44 -1.23
CA GLN A 422 -17.51 30.07 -2.47
C GLN A 422 -16.00 30.05 -2.71
N ALA A 423 -15.24 29.65 -1.68
CA ALA A 423 -13.78 29.70 -1.75
C ALA A 423 -13.20 28.68 -2.73
N PHE A 424 -13.81 27.50 -2.80
CA PHE A 424 -13.31 26.44 -3.67
C PHE A 424 -14.18 26.27 -4.91
N VAL A 425 -14.84 27.34 -5.33
CA VAL A 425 -15.68 27.30 -6.52
C VAL A 425 -15.18 28.23 -7.60
N THR A 426 -14.69 27.65 -8.70
CA THR A 426 -14.38 28.41 -9.90
C THR A 426 -15.47 28.15 -10.93
N ALA A 427 -16.39 29.09 -11.08
CA ALA A 427 -17.57 28.89 -11.93
C ALA A 427 -17.72 29.97 -12.98
N THR A 428 -17.57 29.59 -14.25
CA THR A 428 -17.61 30.55 -15.35
C THR A 428 -18.82 30.28 -16.24
N CYS A 429 -19.37 31.34 -16.84
CA CYS A 429 -20.56 31.21 -17.68
CA CYS A 429 -20.56 31.23 -17.69
C CYS A 429 -20.21 30.97 -19.15
N ALA A 430 -20.82 29.94 -19.72
CA ALA A 430 -20.65 29.64 -21.14
C ALA A 430 -21.76 30.30 -21.96
N HIS A 431 -23.00 30.12 -21.50
CA HIS A 431 -24.16 30.79 -22.10
C HIS A 431 -24.98 31.47 -20.99
N PRO A 432 -25.72 32.54 -21.31
CA PRO A 432 -25.92 33.23 -22.61
C PRO A 432 -24.66 33.92 -23.10
N GLU A 433 -24.67 34.36 -24.35
CA GLU A 433 -23.48 34.91 -24.96
C GLU A 433 -23.22 36.34 -24.47
N SER A 434 -24.22 36.92 -23.82
CA SER A 434 -24.09 38.24 -23.22
C SER A 434 -23.49 38.13 -21.82
N LEU A 435 -23.13 36.90 -21.44
CA LEU A 435 -22.61 36.62 -20.10
C LEU A 435 -21.39 35.71 -20.15
N LYS A 436 -20.90 35.42 -21.35
CA LYS A 436 -19.82 34.45 -21.52
C LYS A 436 -18.51 34.91 -20.89
N GLY A 437 -17.84 34.00 -20.19
CA GLY A 437 -16.54 34.28 -19.62
C GLY A 437 -16.57 34.91 -18.24
N GLN A 438 -17.72 35.46 -17.87
CA GLN A 438 -17.87 36.12 -16.58
C GLN A 438 -18.06 35.12 -15.44
N SER A 439 -17.58 35.49 -14.26
CA SER A 439 -17.75 34.65 -13.08
C SER A 439 -19.21 34.61 -12.65
N ILE A 440 -19.62 33.44 -12.18
CA ILE A 440 -20.95 33.23 -11.61
C ILE A 440 -21.27 34.25 -10.51
N PHE A 441 -20.23 34.70 -9.82
CA PHE A 441 -20.37 35.68 -8.75
C PHE A 441 -20.32 37.12 -9.25
N SER A 442 -19.82 37.31 -10.48
CA SER A 442 -19.72 38.64 -11.05
C SER A 442 -21.06 39.08 -11.64
N VAL A 443 -21.85 38.10 -12.07
CA VAL A 443 -23.12 38.38 -12.72
C VAL A 443 -24.16 38.95 -11.75
N PRO A 444 -24.75 40.11 -12.11
CA PRO A 444 -25.87 40.71 -11.38
C PRO A 444 -27.03 39.74 -11.24
N PRO A 445 -27.73 39.76 -10.09
CA PRO A 445 -28.78 38.80 -9.74
C PRO A 445 -29.89 38.69 -10.78
N GLU A 446 -30.39 39.82 -11.28
CA GLU A 446 -31.50 39.81 -12.23
C GLU A 446 -31.07 39.61 -13.67
N SER A 447 -29.76 39.43 -13.88
CA SER A 447 -29.25 39.12 -15.22
C SER A 447 -29.42 37.63 -15.53
N PHE A 448 -29.70 36.84 -14.51
CA PHE A 448 -30.00 35.43 -14.68
C PHE A 448 -31.46 35.23 -15.13
N VAL A 449 -31.67 35.01 -16.42
CA VAL A 449 -33.03 34.85 -16.92
C VAL A 449 -33.19 33.74 -17.96
N CYS A 450 -34.36 33.10 -17.93
CA CYS A 450 -34.75 32.15 -18.96
C CYS A 450 -35.75 32.81 -19.90
N ASP A 451 -36.26 32.02 -20.85
CA ASP A 451 -37.42 32.42 -21.62
C ASP A 451 -38.68 32.09 -20.84
N ASP A 452 -39.46 33.11 -20.52
CA ASP A 452 -40.77 32.88 -19.92
C ASP A 452 -41.81 33.25 -20.98
N PHE A 453 -42.17 32.27 -21.80
CA PHE A 453 -43.01 32.52 -22.98
C PHE A 453 -44.48 32.59 -22.62
N LEU A 454 -44.83 32.19 -21.40
CA LEU A 454 -46.21 32.20 -20.96
C LEU A 454 -46.42 33.28 -19.91
N LYS A 455 -45.69 34.38 -20.08
CA LYS A 455 -45.67 35.56 -19.19
C LYS A 455 -45.76 35.29 -17.69
N ALA A 456 -45.32 34.09 -17.28
CA ALA A 456 -45.23 33.70 -15.87
C ALA A 456 -44.70 32.28 -15.72
#